data_3P5J
#
_entry.id   3P5J
#
_cell.length_a   279.290
_cell.length_b   40.420
_cell.length_c   67.820
_cell.angle_alpha   90.00
_cell.angle_beta   90.00
_cell.angle_gamma   90.00
#
_symmetry.space_group_name_H-M   'P 21 21 2'
#
loop_
_entity.id
_entity.type
_entity.pdbx_description
1 polymer 'Ribonuclease H2 subunit A'
2 polymer 'Ribonuclease H2 subunit B'
3 polymer 'Ribonuclease H2 subunit C'
#
loop_
_entity_poly.entity_id
_entity_poly.type
_entity_poly.pdbx_seq_one_letter_code
_entity_poly.pdbx_strand_id
1 'polypeptide(L)'
;MDLSELERDNTGRCRLSSPVPAVCLKEPCVLGVDEAGRGPVLGPMVYAICYCPLSRLADLEALKVADSKTLTENERERLF
AKMEEDGDFVGWALDVLSPNLISTSMLGRVKYNLNSLSHDTAAGLIQYALDQNVNVTQVFVDTVGMPETYQARLQQHFPG
IEVTVKAKADSLFPVVSAASIFAKVARDKAVKNWQFVENLQDLDSDYGSGYPNDPKTKAWLRKHVDPVFGFPQFVRFSWS
TAQAILEKEAEDVIWEDSEAEEDPERPGKITSYFSQGPQTCRPQAPHRYFQERGLEAASSL
;
A
2 'polypeptide(L)'
;MGSSHHHHHHSQDPNSLEVLFQGPMAGGRDRGDLAARQLVFLLPEHLKDASKKKKKSSLLFVKLANPHSGEGATYLIDMC
LQQLFEIKVFKEKHHSWFINQSVQSGGLLHFATPMDPLFLLLHYLLKAGKEGKYQPLDQVVVDDTFPDCTLLLRFPELEK
SLRHVTEEKEVNSKKYYKYSSEKTLKWLEKKVNQTVVALKANNVNVGARVQSSAYFSGGQVSRDKEEDYVRYAHGLISDY
IPKELSDDLSKFLKLPEPPASLTNPPSKKLKLSDEPVEAKEDYTKFNTKDLKTGKKNSKMTAAQKALAKVDKSGMKSIDA
FFGAKNKKTGKI
;
B
3 'polypeptide(L)'
;MKNPEEAADGKQRIHLRPGSLRGAAPAKLHLLPCDVLVSRPAPVDRFFTPAVRHDADGLQASFRGRGLRGEEVAVPPGFA
GFVMVTEEKGEGLIGKLNFSGDAEDKADEAQEPLERDFDRLIGATGSFSHFTLWGLETVPGPDAKVHRALGWPSLAAAIH
AQVPED
;
C
#
# COMPACT_ATOMS: atom_id res chain seq x y z
N ASN A 10 1.78 -17.37 -14.05
CA ASN A 10 3.15 -16.93 -13.77
C ASN A 10 3.30 -16.11 -12.45
N THR A 11 2.58 -14.95 -12.34
CA THR A 11 2.62 -14.01 -11.20
C THR A 11 4.03 -13.37 -11.01
N GLY A 12 4.71 -13.62 -9.88
CA GLY A 12 6.03 -13.04 -9.63
C GLY A 12 7.16 -13.66 -10.46
N ARG A 13 7.33 -15.00 -10.30
CA ARG A 13 8.30 -15.86 -10.98
C ARG A 13 7.66 -16.55 -12.21
N CYS A 14 8.45 -17.37 -12.90
CA CYS A 14 7.97 -18.06 -14.08
C CYS A 14 8.79 -19.35 -14.27
N ARG A 15 8.15 -20.51 -14.23
CA ARG A 15 8.83 -21.78 -14.43
C ARG A 15 8.61 -22.32 -15.82
N LEU A 16 9.69 -22.64 -16.55
CA LEU A 16 9.67 -23.29 -17.86
C LEU A 16 10.37 -24.63 -17.67
N SER A 17 9.86 -25.68 -18.32
CA SER A 17 10.38 -27.02 -18.15
C SER A 17 10.15 -27.92 -19.34
N SER A 18 11.10 -28.83 -19.52
CA SER A 18 11.09 -29.87 -20.55
C SER A 18 10.35 -31.11 -20.01
N PRO A 19 9.64 -31.91 -20.84
CA PRO A 19 9.07 -33.15 -20.31
C PRO A 19 10.19 -34.05 -19.83
N VAL A 20 9.92 -34.82 -18.77
CA VAL A 20 10.89 -35.72 -18.15
C VAL A 20 11.21 -36.90 -19.12
N PRO A 21 12.47 -37.05 -19.61
CA PRO A 21 12.76 -38.22 -20.47
C PRO A 21 12.49 -39.51 -19.67
N ALA A 22 11.84 -40.52 -20.27
CA ALA A 22 11.48 -41.78 -19.60
C ALA A 22 12.60 -42.44 -18.83
N VAL A 23 13.82 -42.41 -19.37
CA VAL A 23 15.00 -43.04 -18.74
C VAL A 23 15.10 -42.57 -17.29
N CYS A 24 14.91 -41.23 -17.08
CA CYS A 24 14.97 -40.52 -15.80
C CYS A 24 14.01 -40.91 -14.70
N LEU A 25 12.98 -41.67 -15.05
CA LEU A 25 12.00 -42.15 -14.08
C LEU A 25 12.41 -43.49 -13.50
N LYS A 26 13.22 -44.27 -14.24
CA LYS A 26 13.70 -45.60 -13.80
C LYS A 26 15.19 -45.57 -13.44
N GLU A 27 16.05 -45.10 -14.36
CA GLU A 27 17.50 -45.04 -14.16
C GLU A 27 17.97 -44.02 -13.11
N PRO A 28 18.96 -44.38 -12.25
CA PRO A 28 19.44 -43.40 -11.25
C PRO A 28 19.99 -42.17 -11.92
N CYS A 29 19.59 -41.01 -11.43
CA CYS A 29 19.98 -39.74 -12.04
C CYS A 29 20.81 -38.86 -11.16
N VAL A 30 21.48 -37.93 -11.81
CA VAL A 30 22.34 -36.94 -11.23
C VAL A 30 21.82 -35.57 -11.67
N LEU A 31 21.81 -34.59 -10.76
CA LEU A 31 21.23 -33.28 -11.03
C LEU A 31 22.22 -32.13 -10.79
N GLY A 32 22.10 -31.10 -11.63
CA GLY A 32 22.95 -29.91 -11.60
C GLY A 32 22.13 -28.67 -11.45
N VAL A 33 22.48 -27.80 -10.53
CA VAL A 33 21.77 -26.57 -10.22
C VAL A 33 22.77 -25.42 -10.43
N ASP A 34 22.38 -24.39 -11.17
CA ASP A 34 23.18 -23.19 -11.40
C ASP A 34 22.27 -22.05 -11.83
N GLU A 35 22.80 -20.82 -11.85
CA GLU A 35 22.05 -19.61 -12.15
C GLU A 35 22.78 -18.65 -13.05
N ALA A 36 22.02 -17.66 -13.53
CA ALA A 36 22.45 -16.51 -14.31
C ALA A 36 21.65 -15.34 -13.79
N GLY A 37 22.24 -14.16 -13.82
CA GLY A 37 21.59 -12.93 -13.39
C GLY A 37 21.55 -12.69 -11.90
N ARG A 38 22.50 -13.25 -11.12
CA ARG A 38 22.49 -12.94 -9.67
C ARG A 38 22.78 -11.43 -9.49
N GLY A 39 23.81 -10.92 -10.19
CA GLY A 39 24.34 -9.56 -10.11
C GLY A 39 23.82 -8.32 -10.84
N PRO A 40 23.18 -8.33 -12.03
CA PRO A 40 22.75 -7.05 -12.65
C PRO A 40 21.69 -6.26 -11.86
N VAL A 41 21.47 -4.95 -12.24
CA VAL A 41 20.48 -4.03 -11.65
C VAL A 41 19.27 -4.20 -12.49
N LEU A 42 19.52 -4.66 -13.71
CA LEU A 42 18.51 -4.81 -14.75
C LEU A 42 18.18 -6.29 -15.09
N GLY A 43 16.95 -6.51 -15.44
CA GLY A 43 16.58 -7.84 -15.89
C GLY A 43 16.43 -8.90 -14.82
N PRO A 44 16.04 -10.11 -15.24
CA PRO A 44 15.82 -11.19 -14.28
C PRO A 44 17.04 -11.99 -13.83
N MET A 45 16.83 -12.80 -12.77
CA MET A 45 17.73 -13.80 -12.25
C MET A 45 17.09 -15.14 -12.63
N VAL A 46 17.90 -15.98 -13.29
CA VAL A 46 17.49 -17.29 -13.81
C VAL A 46 18.13 -18.44 -13.06
N TYR A 47 17.36 -19.48 -12.81
CA TYR A 47 17.88 -20.69 -12.19
C TYR A 47 17.60 -21.86 -13.10
N ALA A 48 18.58 -22.73 -13.24
CA ALA A 48 18.43 -23.91 -14.07
C ALA A 48 18.98 -25.12 -13.39
N ILE A 49 18.24 -26.25 -13.54
CA ILE A 49 18.55 -27.63 -13.16
C ILE A 49 18.64 -28.43 -14.44
N CYS A 50 19.67 -29.19 -14.51
CA CYS A 50 19.83 -30.09 -15.62
C CYS A 50 20.05 -31.42 -14.92
N TYR A 51 19.41 -32.49 -15.42
CA TYR A 51 19.56 -33.84 -14.89
C TYR A 51 19.74 -34.80 -16.03
N CYS A 52 20.40 -35.93 -15.79
CA CYS A 52 20.68 -36.92 -16.81
C CYS A 52 21.10 -38.22 -16.13
N PRO A 53 20.86 -39.41 -16.75
CA PRO A 53 21.23 -40.67 -16.07
C PRO A 53 22.70 -40.85 -15.77
N LEU A 54 23.04 -41.43 -14.61
CA LEU A 54 24.43 -41.71 -14.24
C LEU A 54 25.19 -42.42 -15.36
N SER A 55 24.49 -43.31 -16.11
CA SER A 55 25.01 -44.07 -17.25
C SER A 55 25.38 -43.16 -18.42
N ARG A 56 24.51 -42.20 -18.79
CA ARG A 56 24.73 -41.25 -19.90
C ARG A 56 25.60 -40.00 -19.54
N LEU A 57 26.46 -40.08 -18.49
CA LEU A 57 27.30 -38.94 -18.12
C LEU A 57 28.40 -38.63 -19.13
N ALA A 58 28.90 -39.69 -19.82
CA ALA A 58 29.90 -39.61 -20.87
C ALA A 58 29.45 -38.66 -22.02
N ASP A 59 28.14 -38.71 -22.40
CA ASP A 59 27.53 -37.87 -23.43
C ASP A 59 27.59 -36.38 -23.08
N LEU A 60 27.54 -36.06 -21.78
CA LEU A 60 27.64 -34.68 -21.28
C LEU A 60 29.09 -34.24 -21.00
N GLU A 61 30.02 -35.19 -20.72
CA GLU A 61 31.43 -34.86 -20.46
C GLU A 61 32.05 -34.01 -21.59
N ALA A 62 31.47 -34.11 -22.81
CA ALA A 62 31.84 -33.37 -24.02
C ALA A 62 31.28 -31.94 -24.00
N LEU A 63 29.97 -31.77 -23.69
CA LEU A 63 29.27 -30.47 -23.58
C LEU A 63 29.51 -29.90 -22.15
N LYS A 64 30.80 -29.65 -21.84
CA LYS A 64 31.32 -29.21 -20.54
C LYS A 64 32.58 -28.35 -20.71
N VAL A 65 32.47 -27.09 -20.27
CA VAL A 65 33.60 -26.17 -20.34
C VAL A 65 34.20 -26.03 -18.94
N ALA A 66 35.55 -26.19 -18.87
CA ALA A 66 36.40 -26.21 -17.69
C ALA A 66 36.05 -27.41 -16.80
N THR A 70 33.25 -17.71 -20.34
CA THR A 70 34.33 -18.12 -21.24
C THR A 70 33.76 -18.43 -22.63
N LEU A 71 32.77 -19.35 -22.70
CA LEU A 71 32.10 -19.74 -23.94
C LEU A 71 31.20 -18.59 -24.38
N THR A 72 31.50 -18.01 -25.56
CA THR A 72 30.77 -16.87 -26.15
C THR A 72 29.24 -17.11 -26.30
N GLU A 73 28.45 -16.01 -26.48
CA GLU A 73 26.98 -16.04 -26.62
C GLU A 73 26.50 -17.02 -27.73
N ASN A 74 27.24 -17.06 -28.85
CA ASN A 74 26.99 -17.92 -30.01
C ASN A 74 27.21 -19.40 -29.66
N GLU A 75 28.40 -19.75 -29.07
CA GLU A 75 28.75 -21.11 -28.64
C GLU A 75 27.80 -21.63 -27.56
N ARG A 76 27.33 -20.74 -26.63
CA ARG A 76 26.36 -21.07 -25.57
C ARG A 76 25.06 -21.60 -26.17
N GLU A 77 24.49 -20.83 -27.12
CA GLU A 77 23.26 -21.11 -27.89
C GLU A 77 23.35 -22.46 -28.63
N ARG A 78 24.53 -22.72 -29.26
CA ARG A 78 24.86 -23.93 -30.01
C ARG A 78 24.79 -25.17 -29.08
N LEU A 79 25.54 -25.12 -27.96
CA LEU A 79 25.57 -26.15 -26.93
C LEU A 79 24.21 -26.33 -26.27
N PHE A 80 23.40 -25.24 -26.19
CA PHE A 80 22.04 -25.27 -25.63
C PHE A 80 21.13 -26.12 -26.51
N ALA A 81 21.22 -25.92 -27.84
CA ALA A 81 20.44 -26.66 -28.84
C ALA A 81 20.90 -28.12 -28.95
N LYS A 82 22.23 -28.38 -28.82
CA LYS A 82 22.82 -29.73 -28.86
C LYS A 82 22.26 -30.60 -27.72
N MET A 83 22.08 -30.01 -26.51
CA MET A 83 21.49 -30.65 -25.32
C MET A 83 19.99 -30.81 -25.48
N GLU A 84 19.32 -29.79 -26.09
CA GLU A 84 17.87 -29.73 -26.32
C GLU A 84 17.48 -30.80 -27.34
N GLU A 85 18.40 -31.11 -28.29
CA GLU A 85 18.24 -32.12 -29.33
C GLU A 85 18.13 -33.49 -28.66
N ASP A 86 19.09 -33.82 -27.78
CA ASP A 86 19.12 -35.10 -27.08
C ASP A 86 18.24 -35.17 -25.81
N GLY A 87 16.96 -34.76 -26.00
CA GLY A 87 15.92 -34.75 -24.96
C GLY A 87 15.37 -36.12 -24.60
N ASP A 88 15.95 -37.18 -25.19
CA ASP A 88 15.64 -38.58 -24.95
C ASP A 88 16.26 -39.03 -23.62
N PHE A 89 17.24 -38.23 -23.11
CA PHE A 89 17.96 -38.52 -21.88
C PHE A 89 18.32 -37.32 -20.98
N VAL A 90 18.46 -36.11 -21.54
CA VAL A 90 18.76 -34.94 -20.72
C VAL A 90 17.48 -34.19 -20.46
N GLY A 91 17.17 -33.99 -19.19
CA GLY A 91 16.03 -33.20 -18.76
C GLY A 91 16.50 -31.88 -18.17
N TRP A 92 15.68 -30.82 -18.33
CA TRP A 92 15.94 -29.48 -17.80
C TRP A 92 14.70 -28.80 -17.21
N ALA A 93 14.91 -27.71 -16.45
CA ALA A 93 13.86 -26.86 -15.86
C ALA A 93 14.52 -25.54 -15.49
N LEU A 94 13.76 -24.44 -15.69
CA LEU A 94 14.16 -23.08 -15.44
C LEU A 94 13.17 -22.40 -14.56
N ASP A 95 13.64 -21.47 -13.74
CA ASP A 95 12.74 -20.60 -12.99
C ASP A 95 13.26 -19.21 -13.17
N VAL A 96 12.60 -18.45 -14.07
CA VAL A 96 13.00 -17.08 -14.33
C VAL A 96 12.31 -16.09 -13.35
N LEU A 97 13.15 -15.44 -12.47
CA LEU A 97 12.73 -14.48 -11.43
C LEU A 97 12.81 -13.05 -11.95
N SER A 98 11.71 -12.30 -11.87
CA SER A 98 11.53 -10.92 -12.34
C SER A 98 12.29 -9.90 -11.52
N PRO A 99 12.75 -8.75 -12.07
CA PRO A 99 13.42 -7.73 -11.21
C PRO A 99 12.46 -7.23 -10.14
N ASN A 100 11.16 -7.21 -10.47
CA ASN A 100 10.04 -6.87 -9.60
C ASN A 100 9.89 -7.87 -8.40
N LEU A 101 9.87 -9.19 -8.68
CA LEU A 101 9.78 -10.13 -7.58
C LEU A 101 11.05 -10.01 -6.67
N ILE A 102 12.22 -9.85 -7.31
CA ILE A 102 13.48 -9.59 -6.64
C ILE A 102 13.34 -8.26 -5.85
N SER A 103 12.79 -7.19 -6.45
CA SER A 103 12.60 -5.90 -5.77
C SER A 103 11.76 -6.08 -4.51
N THR A 104 10.49 -6.56 -4.70
CA THR A 104 9.46 -6.83 -3.67
C THR A 104 9.90 -7.77 -2.54
N SER A 105 10.58 -8.87 -2.86
CA SER A 105 11.13 -9.82 -1.86
C SER A 105 12.12 -9.15 -0.90
N MET A 106 13.07 -8.38 -1.45
CA MET A 106 14.16 -7.77 -0.69
C MET A 106 13.76 -6.49 0.00
N LEU A 107 12.66 -5.87 -0.46
CA LEU A 107 12.15 -4.61 0.07
C LEU A 107 10.88 -4.80 0.93
N GLY A 108 10.69 -6.00 1.46
CA GLY A 108 9.57 -6.26 2.35
C GLY A 108 9.89 -5.69 3.71
N ARG A 109 8.90 -5.60 4.61
CA ARG A 109 9.08 -5.14 5.99
C ARG A 109 9.85 -6.26 6.70
N VAL A 110 9.67 -7.50 6.22
CA VAL A 110 10.37 -8.72 6.63
C VAL A 110 11.63 -8.76 5.73
N LYS A 111 12.83 -8.67 6.34
CA LYS A 111 14.11 -8.70 5.60
C LYS A 111 14.20 -10.04 4.90
N TYR A 112 14.64 -10.07 3.64
CA TYR A 112 14.71 -11.30 2.85
C TYR A 112 15.70 -11.05 1.70
N ASN A 113 16.95 -11.33 1.99
CA ASN A 113 18.07 -11.06 1.12
C ASN A 113 18.15 -11.96 -0.13
N LEU A 114 19.00 -11.54 -1.08
CA LEU A 114 19.28 -12.23 -2.34
C LEU A 114 19.61 -13.70 -2.17
N ASN A 115 20.59 -14.02 -1.27
CA ASN A 115 21.05 -15.37 -0.94
C ASN A 115 19.86 -16.29 -0.57
N SER A 116 18.96 -15.79 0.32
CA SER A 116 17.78 -16.52 0.72
C SER A 116 16.87 -16.66 -0.50
N LEU A 117 16.60 -15.55 -1.24
CA LEU A 117 15.74 -15.63 -2.42
C LEU A 117 16.32 -16.60 -3.45
N SER A 118 17.64 -16.55 -3.63
CA SER A 118 18.41 -17.38 -4.55
C SER A 118 18.21 -18.84 -4.27
N HIS A 119 18.70 -19.33 -3.10
CA HIS A 119 18.69 -20.70 -2.59
C HIS A 119 17.33 -21.30 -2.42
N ASP A 120 16.32 -20.52 -2.02
CA ASP A 120 14.96 -21.03 -1.91
C ASP A 120 14.49 -21.45 -3.29
N THR A 121 14.92 -20.68 -4.32
CA THR A 121 14.68 -20.88 -5.74
C THR A 121 15.35 -22.18 -6.19
N ALA A 122 16.59 -22.46 -5.70
CA ALA A 122 17.33 -23.71 -5.95
C ALA A 122 16.52 -24.89 -5.35
N ALA A 123 16.02 -24.73 -4.13
CA ALA A 123 15.22 -25.75 -3.45
C ALA A 123 14.01 -26.16 -4.26
N GLY A 124 13.30 -25.19 -4.80
CA GLY A 124 12.10 -25.46 -5.56
C GLY A 124 12.33 -26.22 -6.84
N LEU A 125 13.43 -25.89 -7.55
CA LEU A 125 13.74 -26.54 -8.82
C LEU A 125 14.16 -27.98 -8.61
N ILE A 126 14.97 -28.25 -7.51
CA ILE A 126 15.37 -29.59 -7.09
C ILE A 126 14.13 -30.28 -6.61
N GLN A 127 13.22 -29.56 -5.91
CA GLN A 127 11.99 -30.20 -5.45
C GLN A 127 11.13 -30.62 -6.63
N TYR A 128 11.06 -29.78 -7.68
CA TYR A 128 10.25 -30.05 -8.87
C TYR A 128 10.63 -31.40 -9.47
N ALA A 129 11.94 -31.62 -9.59
CA ALA A 129 12.54 -32.82 -10.14
C ALA A 129 12.11 -34.01 -9.36
N LEU A 130 12.12 -33.90 -8.03
CA LEU A 130 11.70 -35.01 -7.16
C LEU A 130 10.25 -35.30 -7.36
N ASP A 131 9.41 -34.25 -7.40
CA ASP A 131 7.96 -34.35 -7.60
C ASP A 131 7.57 -34.92 -8.95
N GLN A 132 8.50 -34.83 -9.94
CA GLN A 132 8.36 -35.41 -11.30
C GLN A 132 8.80 -36.84 -11.37
N ASN A 133 9.23 -37.40 -10.24
CA ASN A 133 9.66 -38.80 -10.08
C ASN A 133 11.00 -39.08 -10.76
N VAL A 134 11.82 -38.02 -10.89
CA VAL A 134 13.14 -38.18 -11.43
C VAL A 134 13.91 -38.93 -10.34
N ASN A 135 14.48 -40.10 -10.70
CA ASN A 135 15.20 -40.98 -9.79
C ASN A 135 16.53 -40.35 -9.37
N VAL A 136 16.47 -39.10 -8.83
CA VAL A 136 17.64 -38.33 -8.39
C VAL A 136 18.31 -39.05 -7.20
N THR A 137 19.61 -39.32 -7.33
CA THR A 137 20.39 -39.98 -6.27
C THR A 137 21.49 -39.03 -5.79
N GLN A 138 21.85 -38.02 -6.64
CA GLN A 138 22.94 -37.09 -6.37
C GLN A 138 22.78 -35.74 -7.03
N VAL A 139 22.83 -34.65 -6.23
CA VAL A 139 22.70 -33.24 -6.66
C VAL A 139 24.03 -32.48 -6.48
N PHE A 140 24.41 -31.65 -7.47
CA PHE A 140 25.59 -30.79 -7.45
C PHE A 140 25.15 -29.35 -7.72
N VAL A 141 25.48 -28.47 -6.79
CA VAL A 141 25.07 -27.08 -6.86
C VAL A 141 26.31 -26.19 -6.88
N ASP A 142 26.37 -25.31 -7.89
CA ASP A 142 27.40 -24.29 -8.02
C ASP A 142 27.06 -23.15 -7.03
N THR A 143 28.09 -22.47 -6.51
CA THR A 143 27.94 -21.38 -5.55
C THR A 143 29.02 -20.36 -5.77
N VAL A 144 28.99 -19.32 -4.96
CA VAL A 144 29.97 -18.26 -5.00
C VAL A 144 30.57 -18.15 -3.61
N GLY A 145 31.79 -18.68 -3.49
CA GLY A 145 32.56 -18.76 -2.25
C GLY A 145 32.08 -19.83 -1.29
N MET A 146 32.73 -19.92 -0.07
CA MET A 146 32.39 -20.81 1.09
C MET A 146 31.11 -21.72 0.88
N PRO A 147 31.25 -22.94 0.31
CA PRO A 147 30.06 -23.75 0.05
C PRO A 147 29.35 -24.37 1.27
N GLU A 148 30.04 -24.52 2.43
CA GLU A 148 29.55 -25.15 3.67
C GLU A 148 28.10 -24.84 4.11
N THR A 149 27.84 -23.71 4.74
CA THR A 149 26.48 -23.30 5.15
C THR A 149 25.40 -23.58 4.06
N TYR A 150 25.74 -23.39 2.81
CA TYR A 150 24.80 -23.68 1.74
C TYR A 150 24.53 -25.18 1.69
N GLN A 151 25.57 -26.05 1.84
CA GLN A 151 25.41 -27.51 1.84
C GLN A 151 24.57 -28.01 2.97
N ALA A 152 24.78 -27.42 4.14
CA ALA A 152 24.07 -27.65 5.39
C ALA A 152 22.55 -27.40 5.18
N ARG A 153 22.15 -26.21 4.80
CA ARG A 153 20.74 -25.93 4.56
C ARG A 153 20.13 -26.84 3.49
N LEU A 154 20.87 -27.04 2.38
CA LEU A 154 20.43 -27.84 1.23
C LEU A 154 20.38 -29.32 1.55
N GLN A 155 21.45 -29.89 2.17
CA GLN A 155 21.43 -31.30 2.56
C GLN A 155 20.33 -31.56 3.56
N GLN A 156 20.18 -30.68 4.60
CA GLN A 156 19.15 -30.80 5.64
C GLN A 156 17.75 -30.92 5.05
N HIS A 157 17.41 -30.05 4.05
CA HIS A 157 16.12 -30.03 3.35
C HIS A 157 15.84 -31.31 2.51
N PHE A 158 16.89 -31.88 1.86
CA PHE A 158 16.83 -33.07 1.00
C PHE A 158 17.59 -34.26 1.65
N PRO A 159 17.04 -34.84 2.77
CA PRO A 159 17.71 -35.97 3.44
C PRO A 159 17.67 -37.33 2.78
N GLY A 160 16.99 -37.48 1.67
CA GLY A 160 17.01 -38.75 0.94
C GLY A 160 18.07 -38.82 -0.16
N ILE A 161 18.84 -37.73 -0.41
CA ILE A 161 19.84 -37.66 -1.48
C ILE A 161 21.18 -37.01 -1.05
N GLU A 162 22.26 -37.26 -1.83
CA GLU A 162 23.55 -36.66 -1.54
C GLU A 162 23.46 -35.35 -2.25
N VAL A 163 23.82 -34.26 -1.54
CA VAL A 163 23.76 -32.90 -2.08
C VAL A 163 25.15 -32.34 -1.98
N THR A 164 25.78 -32.04 -3.12
CA THR A 164 27.13 -31.50 -3.11
C THR A 164 27.16 -30.08 -3.60
N VAL A 165 27.77 -29.19 -2.83
CA VAL A 165 27.85 -27.75 -3.11
C VAL A 165 29.34 -27.37 -3.20
N LYS A 166 29.81 -26.98 -4.40
CA LYS A 166 31.23 -26.55 -4.64
C LYS A 166 31.22 -25.26 -5.48
N ALA A 167 32.17 -24.34 -5.24
CA ALA A 167 32.21 -23.06 -5.96
C ALA A 167 32.64 -23.17 -7.40
N LYS A 168 33.42 -24.19 -7.70
CA LYS A 168 33.91 -24.50 -9.04
C LYS A 168 32.99 -25.56 -9.75
N ALA A 169 31.72 -25.74 -9.29
CA ALA A 169 30.85 -26.81 -9.81
C ALA A 169 30.61 -26.82 -11.30
N ASP A 170 30.52 -25.62 -11.91
CA ASP A 170 30.37 -25.42 -13.36
C ASP A 170 31.59 -25.95 -14.15
N SER A 171 32.65 -26.39 -13.43
CA SER A 171 33.93 -26.86 -13.97
C SER A 171 34.26 -28.27 -13.50
N LEU A 172 33.52 -28.80 -12.52
CA LEU A 172 33.81 -30.14 -11.96
C LEU A 172 32.87 -31.18 -12.49
N PHE A 173 31.60 -30.78 -12.71
CA PHE A 173 30.56 -31.70 -13.09
C PHE A 173 29.78 -31.19 -14.29
N PRO A 174 29.73 -32.04 -15.38
CA PRO A 174 29.02 -31.65 -16.62
C PRO A 174 27.57 -31.25 -16.46
N VAL A 175 26.90 -31.81 -15.44
CA VAL A 175 25.49 -31.52 -15.21
C VAL A 175 25.29 -30.08 -14.68
N VAL A 176 26.25 -29.58 -13.89
CA VAL A 176 26.23 -28.19 -13.44
C VAL A 176 26.66 -27.29 -14.63
N SER A 177 27.66 -27.74 -15.41
CA SER A 177 28.10 -27.00 -16.58
C SER A 177 26.94 -26.81 -17.53
N ALA A 178 26.12 -27.84 -17.74
CA ALA A 178 24.90 -27.75 -18.58
C ALA A 178 23.87 -26.77 -17.96
N ALA A 179 23.54 -26.91 -16.63
CA ALA A 179 22.62 -26.00 -15.90
C ALA A 179 23.09 -24.54 -16.03
N SER A 180 24.39 -24.29 -15.92
CA SER A 180 24.97 -22.96 -16.14
C SER A 180 24.57 -22.42 -17.52
N ILE A 181 24.64 -23.26 -18.56
CA ILE A 181 24.29 -22.87 -19.94
C ILE A 181 22.83 -22.45 -20.12
N PHE A 182 21.84 -23.33 -19.77
CA PHE A 182 20.40 -23.03 -19.88
C PHE A 182 20.05 -21.75 -19.16
N ALA A 183 20.56 -21.55 -17.94
CA ALA A 183 20.39 -20.35 -17.12
C ALA A 183 20.92 -19.12 -17.85
N LYS A 184 22.19 -19.13 -18.36
CA LYS A 184 22.78 -18.00 -19.13
C LYS A 184 22.00 -17.69 -20.42
N VAL A 185 21.65 -18.75 -21.16
CA VAL A 185 20.91 -18.72 -22.42
C VAL A 185 19.51 -18.11 -22.18
N ALA A 186 18.80 -18.57 -21.14
CA ALA A 186 17.49 -18.05 -20.70
C ALA A 186 17.61 -16.59 -20.25
N ARG A 187 18.69 -16.27 -19.49
CA ARG A 187 18.93 -14.89 -19.07
C ARG A 187 19.08 -13.99 -20.33
N ASP A 188 19.78 -14.46 -21.41
CA ASP A 188 19.91 -13.61 -22.61
C ASP A 188 18.62 -13.52 -23.48
N LYS A 189 17.83 -14.61 -23.64
CA LYS A 189 16.54 -14.57 -24.35
C LYS A 189 15.55 -13.64 -23.63
N ALA A 190 15.65 -13.50 -22.30
CA ALA A 190 14.74 -12.65 -21.54
C ALA A 190 15.10 -11.19 -21.71
N VAL A 191 16.40 -10.85 -21.70
CA VAL A 191 16.79 -9.44 -21.94
C VAL A 191 16.58 -8.96 -23.42
N LYS A 192 16.65 -9.88 -24.39
CA LYS A 192 16.47 -9.59 -25.80
C LYS A 192 14.98 -9.35 -26.03
N ASN A 193 14.13 -10.20 -25.35
CA ASN A 193 12.68 -10.05 -25.40
C ASN A 193 12.25 -8.66 -24.85
N TRP A 194 12.80 -8.19 -23.69
CA TRP A 194 12.52 -6.83 -23.19
C TRP A 194 12.97 -5.78 -24.21
N GLN A 195 14.24 -5.86 -24.66
CA GLN A 195 14.78 -4.93 -25.68
C GLN A 195 13.93 -4.78 -26.95
N PHE A 196 13.38 -5.91 -27.43
CA PHE A 196 12.55 -6.02 -28.62
C PHE A 196 11.27 -5.16 -28.49
N VAL A 197 10.59 -5.33 -27.32
CA VAL A 197 9.37 -4.61 -26.91
C VAL A 197 9.77 -3.13 -26.74
N GLU A 198 10.89 -2.85 -26.02
CA GLU A 198 11.33 -1.48 -25.81
C GLU A 198 11.38 -0.73 -27.12
N ASN A 199 12.01 -1.36 -28.13
CA ASN A 199 12.26 -0.78 -29.42
C ASN A 199 11.00 -0.64 -30.25
N LEU A 200 10.10 -1.62 -30.11
CA LEU A 200 8.81 -1.59 -30.76
C LEU A 200 8.15 -0.35 -30.26
N GLN A 201 8.02 -0.19 -28.94
CA GLN A 201 7.38 0.97 -28.35
C GLN A 201 8.23 2.24 -28.33
N ASP A 202 9.21 2.33 -29.25
CA ASP A 202 10.13 3.46 -29.47
C ASP A 202 10.81 3.98 -28.16
N LEU A 203 11.10 3.07 -27.20
CA LEU A 203 11.78 3.42 -25.95
C LEU A 203 13.28 3.07 -26.03
N ASP A 204 14.10 3.69 -25.15
CA ASP A 204 15.53 3.55 -25.13
C ASP A 204 15.87 2.26 -24.39
N SER A 205 16.57 1.36 -25.09
CA SER A 205 17.00 0.07 -24.58
C SER A 205 18.55 -0.08 -24.62
N ASP A 206 19.30 1.04 -24.57
CA ASP A 206 20.75 1.03 -24.65
C ASP A 206 21.29 1.21 -23.24
N TYR A 207 21.13 0.17 -22.45
CA TYR A 207 21.55 0.25 -21.08
C TYR A 207 22.97 -0.12 -20.87
N GLY A 208 23.51 -1.03 -21.66
CA GLY A 208 24.87 -1.55 -21.52
C GLY A 208 24.91 -2.97 -20.98
N SER A 209 25.85 -3.28 -20.10
CA SER A 209 26.01 -4.63 -19.56
C SER A 209 24.92 -5.06 -18.62
N GLY A 210 24.27 -4.08 -17.96
CA GLY A 210 23.25 -4.37 -16.96
C GLY A 210 23.78 -4.33 -15.55
N TYR A 211 25.11 -4.45 -15.36
CA TYR A 211 25.75 -4.39 -14.03
C TYR A 211 25.90 -2.96 -13.46
N PRO A 212 25.68 -2.75 -12.11
CA PRO A 212 25.76 -1.37 -11.55
C PRO A 212 27.13 -0.69 -11.59
N ASN A 213 28.17 -1.47 -11.96
CA ASN A 213 29.56 -1.03 -12.03
C ASN A 213 29.88 -0.44 -13.42
N ASP A 214 28.89 -0.45 -14.30
CA ASP A 214 29.04 0.05 -15.65
C ASP A 214 28.60 1.53 -15.79
N PRO A 215 29.54 2.46 -16.05
CA PRO A 215 29.17 3.86 -16.35
C PRO A 215 27.96 4.11 -17.27
N LYS A 216 27.77 3.27 -18.34
CA LYS A 216 26.66 3.30 -19.31
C LYS A 216 25.37 2.82 -18.63
N THR A 217 25.45 1.74 -17.76
CA THR A 217 24.29 1.28 -16.99
C THR A 217 23.88 2.36 -15.99
N LYS A 218 24.83 2.83 -15.15
CA LYS A 218 24.57 3.95 -14.23
C LYS A 218 23.92 5.10 -15.04
N ALA A 219 24.54 5.51 -16.16
CA ALA A 219 23.98 6.59 -16.98
C ALA A 219 22.55 6.35 -17.35
N TRP A 220 22.23 5.16 -17.87
CA TRP A 220 20.88 4.77 -18.30
C TRP A 220 19.85 4.98 -17.16
N LEU A 221 20.16 4.47 -15.93
CA LEU A 221 19.26 4.61 -14.77
C LEU A 221 19.06 6.07 -14.45
N ARG A 222 20.12 6.88 -14.51
CA ARG A 222 20.02 8.32 -14.23
C ARG A 222 19.11 9.03 -15.21
N LYS A 223 19.16 8.64 -16.48
CA LYS A 223 18.28 9.22 -17.50
C LYS A 223 16.85 8.69 -17.37
N HIS A 224 16.58 7.68 -16.50
CA HIS A 224 15.27 7.00 -16.37
C HIS A 224 14.60 7.03 -14.96
N VAL A 225 14.48 8.23 -14.35
CA VAL A 225 13.89 8.37 -13.04
C VAL A 225 12.65 9.24 -13.09
N ASP A 226 11.44 8.62 -13.01
CA ASP A 226 10.18 9.38 -12.91
C ASP A 226 10.20 9.98 -11.49
N PRO A 227 10.07 11.31 -11.29
CA PRO A 227 10.14 11.87 -9.92
C PRO A 227 9.18 11.19 -8.93
N VAL A 228 8.00 10.78 -9.35
CA VAL A 228 7.12 10.13 -8.42
C VAL A 228 7.39 8.64 -8.27
N PHE A 229 7.53 7.94 -9.41
CA PHE A 229 7.60 6.48 -9.46
C PHE A 229 8.95 5.82 -9.51
N GLY A 230 9.96 6.58 -9.81
CA GLY A 230 11.31 6.05 -9.96
C GLY A 230 11.52 5.43 -11.31
N PHE A 231 11.94 4.20 -11.28
CA PHE A 231 12.32 3.45 -12.47
C PHE A 231 11.19 2.58 -13.16
N PRO A 232 11.48 2.04 -14.38
CA PRO A 232 10.53 1.08 -14.99
C PRO A 232 10.76 -0.31 -14.39
N GLN A 233 9.76 -1.26 -14.46
CA GLN A 233 9.78 -2.66 -13.91
C GLN A 233 11.11 -3.39 -13.89
N PHE A 234 11.78 -3.42 -15.05
CA PHE A 234 13.13 -3.94 -15.36
C PHE A 234 14.24 -3.71 -14.33
N VAL A 235 14.13 -2.59 -13.56
CA VAL A 235 15.12 -2.20 -12.56
C VAL A 235 14.92 -2.87 -11.18
N ARG A 236 15.99 -3.52 -10.65
CA ARG A 236 15.91 -4.14 -9.35
C ARG A 236 16.01 -3.00 -8.33
N PHE A 237 14.83 -2.55 -7.87
CA PHE A 237 14.70 -1.43 -6.93
C PHE A 237 15.48 -1.59 -5.68
N SER A 238 15.67 -2.86 -5.25
CA SER A 238 16.33 -3.33 -4.03
C SER A 238 17.85 -3.25 -4.02
N TRP A 239 18.46 -2.85 -5.13
CA TRP A 239 19.90 -2.66 -5.32
C TRP A 239 20.25 -1.31 -4.73
N SER A 240 21.42 -1.17 -4.09
CA SER A 240 21.88 0.08 -3.47
C SER A 240 22.13 1.14 -4.51
N THR A 241 22.63 0.72 -5.68
CA THR A 241 22.84 1.65 -6.79
C THR A 241 21.43 2.24 -7.16
N ALA A 242 20.44 1.35 -7.42
CA ALA A 242 19.10 1.77 -7.70
C ALA A 242 18.62 2.76 -6.62
N GLN A 243 18.62 2.37 -5.35
CA GLN A 243 18.16 3.23 -4.25
C GLN A 243 18.84 4.57 -4.21
N ALA A 244 20.18 4.55 -4.28
CA ALA A 244 21.01 5.75 -4.23
C ALA A 244 20.62 6.78 -5.29
N ILE A 245 20.28 6.32 -6.53
CA ILE A 245 19.83 7.19 -7.63
C ILE A 245 18.47 7.77 -7.30
N LEU A 246 17.53 6.95 -6.72
CA LEU A 246 16.19 7.42 -6.35
C LEU A 246 16.21 8.46 -5.28
N GLU A 247 17.24 8.41 -4.37
CA GLU A 247 17.41 9.41 -3.30
C GLU A 247 17.78 10.78 -3.88
N LYS A 248 18.47 10.82 -5.03
CA LYS A 248 18.94 12.06 -5.65
C LYS A 248 18.03 12.55 -6.75
N GLU A 249 17.32 11.62 -7.38
CA GLU A 249 16.55 11.95 -8.55
C GLU A 249 15.06 11.98 -8.50
N ALA A 250 14.41 11.25 -7.56
CA ALA A 250 12.95 11.20 -7.38
C ALA A 250 12.50 11.96 -6.09
N GLU A 251 11.17 12.11 -5.89
CA GLU A 251 10.58 12.80 -4.74
C GLU A 251 10.75 11.92 -3.52
N ASP A 252 11.05 12.51 -2.35
CA ASP A 252 11.28 11.73 -1.13
C ASP A 252 9.97 11.08 -0.64
N VAL A 253 10.04 9.77 -0.38
CA VAL A 253 8.89 8.99 0.07
C VAL A 253 9.20 8.44 1.46
N ILE A 254 8.28 8.65 2.42
CA ILE A 254 8.41 8.15 3.79
C ILE A 254 7.44 6.99 3.97
N TRP A 255 7.97 5.82 4.33
CA TRP A 255 7.19 4.62 4.52
C TRP A 255 6.80 4.47 5.97
N GLU A 256 6.14 3.34 6.33
CA GLU A 256 5.67 2.97 7.69
C GLU A 256 6.86 2.79 8.65
N ASP A 257 7.98 2.27 8.13
CA ASP A 257 9.24 2.02 8.82
C ASP A 257 10.34 2.96 8.26
N SER A 258 9.95 4.25 8.00
CA SER A 258 10.78 5.33 7.41
C SER A 258 11.47 4.94 6.08
N PRO A 286 -13.59 10.60 24.47
CA PRO A 286 -12.46 11.26 25.14
C PRO A 286 -11.39 11.71 24.13
N HIS A 287 -10.30 12.36 24.61
CA HIS A 287 -9.16 12.77 23.77
C HIS A 287 -8.55 11.50 23.14
N ARG A 288 -8.98 10.33 23.67
CA ARG A 288 -8.62 8.95 23.33
C ARG A 288 -9.32 8.41 22.09
N TYR A 289 -10.67 8.55 22.00
CA TYR A 289 -11.49 8.02 20.90
C TYR A 289 -10.97 8.52 19.55
N PHE A 290 -10.87 9.85 19.41
CA PHE A 290 -10.41 10.52 18.21
C PHE A 290 -8.97 10.17 17.93
N GLN A 291 -8.15 9.98 19.00
CA GLN A 291 -6.75 9.57 18.89
C GLN A 291 -6.63 8.12 18.39
N GLU A 292 -7.64 7.27 18.72
CA GLU A 292 -7.71 5.85 18.33
C GLU A 292 -8.05 5.66 16.85
N ARG A 293 -8.74 6.66 16.21
CA ARG A 293 -9.14 6.69 14.80
C ARG A 293 -8.20 7.55 13.94
N GLY A 294 -7.47 8.48 14.58
CA GLY A 294 -6.54 9.42 13.94
C GLY A 294 -7.18 10.76 13.63
N LEU A 295 -8.36 11.01 14.25
CA LEU A 295 -9.17 12.21 14.05
C LEU A 295 -8.86 13.38 14.99
N GLU A 296 -8.93 14.59 14.44
CA GLU A 296 -8.69 15.86 15.11
C GLU A 296 -9.51 16.91 14.38
N ALA A 297 -9.76 18.08 14.99
CA ALA A 297 -10.53 19.14 14.34
C ALA A 297 -9.70 19.87 13.29
N ALA A 298 -10.39 20.52 12.34
CA ALA A 298 -9.71 21.26 11.28
C ALA A 298 -9.54 22.76 11.61
N SER A 299 -8.31 23.15 11.97
CA SER A 299 -7.94 24.54 12.23
C SER A 299 -7.37 25.08 10.92
N SER A 300 -6.75 24.16 10.13
CA SER A 300 -6.09 24.34 8.82
C SER A 300 -6.91 25.18 7.84
N LEU A 301 -8.17 24.78 7.58
CA LEU A 301 -9.10 25.48 6.67
C LEU A 301 -9.53 26.82 7.25
N ALA B 35 1.51 21.05 -8.33
CA ALA B 35 0.09 21.39 -8.53
C ALA B 35 -0.57 22.05 -7.28
N ALA B 36 -1.89 22.33 -7.34
CA ALA B 36 -2.64 22.92 -6.23
C ALA B 36 -3.15 21.82 -5.31
N ARG B 37 -3.13 22.11 -3.98
CA ARG B 37 -3.56 21.25 -2.87
C ARG B 37 -4.99 20.74 -3.08
N GLN B 38 -5.15 19.41 -3.09
CA GLN B 38 -6.46 18.77 -3.28
C GLN B 38 -6.93 18.26 -1.96
N LEU B 39 -8.19 18.54 -1.63
CA LEU B 39 -8.78 18.12 -0.37
C LEU B 39 -9.64 16.90 -0.58
N VAL B 40 -9.57 15.93 0.36
CA VAL B 40 -10.44 14.75 0.23
C VAL B 40 -11.53 14.83 1.29
N PHE B 41 -12.76 15.10 0.83
CA PHE B 41 -13.97 15.25 1.65
C PHE B 41 -14.93 14.08 1.56
N LEU B 42 -15.63 13.87 2.67
CA LEU B 42 -16.72 12.91 2.87
C LEU B 42 -17.87 13.78 3.35
N LEU B 43 -18.78 14.13 2.42
CA LEU B 43 -19.91 15.04 2.61
C LEU B 43 -21.25 14.30 2.70
N PRO B 44 -22.21 14.73 3.55
CA PRO B 44 -23.51 14.02 3.60
C PRO B 44 -24.21 13.97 2.24
N GLU B 45 -24.71 12.77 1.85
CA GLU B 45 -25.39 12.49 0.58
C GLU B 45 -26.34 13.60 0.04
N HIS B 46 -27.02 14.32 0.94
CA HIS B 46 -27.99 15.33 0.54
C HIS B 46 -27.41 16.64 0.00
N LEU B 47 -26.30 17.14 0.57
CA LEU B 47 -25.65 18.39 0.16
C LEU B 47 -25.61 18.63 -1.36
N LYS B 48 -25.51 17.53 -2.15
CA LYS B 48 -25.47 17.50 -3.61
C LYS B 48 -26.69 18.20 -4.26
N ASP B 49 -27.91 17.74 -3.94
CA ASP B 49 -29.20 18.26 -4.45
C ASP B 49 -29.57 19.67 -3.93
N ALA B 50 -30.22 20.48 -4.81
CA ALA B 50 -30.63 21.86 -4.55
C ALA B 50 -31.95 21.99 -3.77
N SER B 51 -32.87 21.02 -3.94
CA SER B 51 -34.20 20.95 -3.31
C SER B 51 -34.18 21.16 -1.80
N SER B 58 -24.86 28.86 -1.43
CA SER B 58 -25.74 28.24 -0.44
C SER B 58 -24.97 27.51 0.68
N LEU B 59 -23.74 27.01 0.38
CA LEU B 59 -22.88 26.29 1.34
C LEU B 59 -21.69 27.16 1.75
N LEU B 60 -21.49 27.37 3.08
CA LEU B 60 -20.41 28.21 3.61
C LEU B 60 -19.55 27.60 4.73
N PHE B 61 -18.20 27.64 4.56
CA PHE B 61 -17.22 27.16 5.54
C PHE B 61 -16.86 28.36 6.42
N VAL B 62 -17.34 28.36 7.66
CA VAL B 62 -17.14 29.43 8.63
C VAL B 62 -16.27 29.00 9.82
N LYS B 63 -15.16 29.74 10.05
CA LYS B 63 -14.25 29.50 11.17
C LYS B 63 -14.94 30.00 12.45
N LEU B 64 -15.23 29.06 13.37
CA LEU B 64 -15.90 29.32 14.64
C LEU B 64 -15.08 28.79 15.80
N ALA B 65 -15.35 29.31 17.02
CA ALA B 65 -14.64 28.95 18.25
C ALA B 65 -14.90 27.52 18.67
N ASN B 66 -13.83 26.77 19.02
CA ASN B 66 -13.94 25.38 19.48
C ASN B 66 -14.58 25.36 20.87
N PRO B 67 -15.80 24.78 21.02
CA PRO B 67 -16.47 24.81 22.33
C PRO B 67 -15.76 24.07 23.45
N HIS B 68 -15.05 22.97 23.16
CA HIS B 68 -14.32 22.21 24.19
C HIS B 68 -13.05 22.94 24.65
N SER B 69 -12.06 23.05 23.76
CA SER B 69 -10.77 23.72 24.00
C SER B 69 -10.13 24.05 22.65
N GLY B 70 -9.78 25.31 22.50
CA GLY B 70 -9.19 25.83 21.27
C GLY B 70 -9.80 27.16 20.88
N GLU B 71 -8.99 28.00 20.22
CA GLU B 71 -9.38 29.33 19.75
C GLU B 71 -10.34 29.21 18.56
N GLY B 72 -10.19 28.13 17.78
CA GLY B 72 -11.01 27.88 16.61
C GLY B 72 -10.94 26.52 15.95
N ALA B 73 -11.82 26.35 14.95
CA ALA B 73 -11.99 25.16 14.13
C ALA B 73 -12.87 25.51 12.91
N THR B 74 -12.94 24.58 11.93
CA THR B 74 -13.74 24.74 10.71
C THR B 74 -15.12 24.11 10.89
N TYR B 75 -16.13 24.82 10.39
CA TYR B 75 -17.52 24.45 10.45
C TYR B 75 -18.17 24.79 9.12
N LEU B 76 -18.87 23.83 8.53
CA LEU B 76 -19.59 24.02 7.27
C LEU B 76 -21.05 24.23 7.62
N ILE B 77 -21.63 25.32 7.09
CA ILE B 77 -23.01 25.68 7.36
C ILE B 77 -23.87 25.73 6.09
N ASP B 78 -24.98 24.97 6.12
CA ASP B 78 -26.02 24.85 5.11
C ASP B 78 -26.91 26.11 5.23
N MET B 79 -26.99 26.94 4.18
CA MET B 79 -27.82 28.16 4.22
C MET B 79 -29.22 27.96 3.66
N CYS B 80 -29.38 27.11 2.61
CA CYS B 80 -30.68 26.83 2.02
C CYS B 80 -31.48 25.98 2.99
N LEU B 81 -30.98 24.79 3.39
CA LEU B 81 -31.65 23.92 4.36
C LEU B 81 -31.45 24.36 5.82
N GLN B 82 -30.56 25.35 6.08
CA GLN B 82 -30.30 25.95 7.40
C GLN B 82 -29.79 25.00 8.51
N GLN B 83 -28.57 24.43 8.32
CA GLN B 83 -27.98 23.47 9.28
C GLN B 83 -26.47 23.65 9.50
N LEU B 84 -25.93 23.03 10.59
CA LEU B 84 -24.50 23.07 10.94
C LEU B 84 -23.83 21.70 10.87
N PHE B 85 -22.55 21.70 10.49
CA PHE B 85 -21.70 20.51 10.38
C PHE B 85 -20.29 20.87 10.83
N GLU B 86 -19.63 19.94 11.54
CA GLU B 86 -18.25 20.14 12.01
C GLU B 86 -17.24 19.47 11.07
N ILE B 87 -16.00 20.01 11.01
CA ILE B 87 -14.98 19.42 10.15
C ILE B 87 -13.85 18.76 10.90
N LYS B 88 -13.84 17.42 10.89
CA LYS B 88 -12.81 16.61 11.52
C LYS B 88 -11.83 16.17 10.41
N VAL B 89 -10.58 15.82 10.77
CA VAL B 89 -9.56 15.39 9.81
C VAL B 89 -8.93 14.08 10.19
N PHE B 90 -8.79 13.19 9.23
CA PHE B 90 -8.07 11.96 9.45
C PHE B 90 -6.61 12.17 9.01
N LYS B 91 -5.68 12.25 9.97
CA LYS B 91 -4.27 12.39 9.66
C LYS B 91 -3.54 11.26 10.32
N GLU B 92 -2.80 10.49 9.53
CA GLU B 92 -2.02 9.35 10.04
C GLU B 92 -0.63 9.38 9.41
N LYS B 93 0.39 9.14 10.23
CA LYS B 93 1.78 9.17 9.83
C LYS B 93 2.04 8.25 8.66
N HIS B 94 2.62 8.83 7.57
CA HIS B 94 3.03 8.20 6.33
C HIS B 94 1.90 7.57 5.50
N HIS B 95 1.18 8.45 4.81
CA HIS B 95 0.10 8.20 3.86
C HIS B 95 0.15 9.34 2.84
N SER B 96 -0.24 9.06 1.62
CA SER B 96 -0.39 10.07 0.58
C SER B 96 -1.46 9.56 -0.34
N TRP B 97 -2.05 10.43 -1.18
CA TRP B 97 -3.11 9.97 -2.09
C TRP B 97 -2.68 9.97 -3.52
N PHE B 98 -3.17 9.00 -4.26
CA PHE B 98 -3.07 9.04 -5.68
C PHE B 98 -4.50 9.49 -6.02
N ILE B 99 -4.66 10.76 -6.48
CA ILE B 99 -5.99 11.27 -6.84
C ILE B 99 -5.94 11.40 -8.32
N ASN B 100 -6.61 10.48 -9.03
CA ASN B 100 -6.55 10.46 -10.49
C ASN B 100 -5.10 10.32 -10.96
N GLN B 101 -4.61 11.24 -11.83
CA GLN B 101 -3.26 11.24 -12.38
C GLN B 101 -2.40 12.26 -11.66
N SER B 102 -2.33 12.07 -10.34
CA SER B 102 -1.56 12.94 -9.45
C SER B 102 -1.40 12.27 -8.09
N VAL B 103 -0.41 12.78 -7.34
CA VAL B 103 -0.15 12.42 -5.98
C VAL B 103 -0.38 13.67 -5.09
N GLN B 104 -1.11 13.47 -3.99
CA GLN B 104 -1.37 14.47 -2.97
C GLN B 104 -0.77 13.89 -1.67
N SER B 105 0.19 14.64 -1.04
CA SER B 105 0.86 14.22 0.19
C SER B 105 -0.05 14.32 1.43
N GLY B 106 0.33 13.60 2.47
CA GLY B 106 -0.39 13.64 3.74
C GLY B 106 -1.41 12.55 3.94
N GLY B 107 -2.30 12.37 2.97
CA GLY B 107 -3.32 11.33 3.03
C GLY B 107 -4.46 11.72 3.94
N LEU B 108 -4.76 13.04 4.06
CA LEU B 108 -5.85 13.53 4.88
C LEU B 108 -7.22 13.18 4.29
N LEU B 109 -8.16 12.84 5.18
CA LEU B 109 -9.53 12.57 4.82
C LEU B 109 -10.35 13.46 5.72
N HIS B 110 -11.05 14.42 5.10
CA HIS B 110 -11.90 15.40 5.79
C HIS B 110 -13.32 14.87 5.82
N PHE B 111 -14.04 15.18 6.92
CA PHE B 111 -15.42 14.75 7.16
C PHE B 111 -16.33 15.94 7.51
N ALA B 112 -17.52 16.04 6.87
CA ALA B 112 -18.52 17.02 7.25
C ALA B 112 -19.61 16.21 7.94
N THR B 113 -19.63 16.28 9.27
CA THR B 113 -20.56 15.55 10.11
C THR B 113 -21.54 16.51 10.80
N PRO B 114 -22.88 16.21 10.76
CA PRO B 114 -23.86 17.08 11.42
C PRO B 114 -23.50 17.43 12.86
N MET B 115 -23.55 18.73 13.19
CA MET B 115 -23.24 19.32 14.51
C MET B 115 -24.54 19.81 15.16
N ASP B 116 -24.65 19.63 16.49
CA ASP B 116 -25.80 20.13 17.27
C ASP B 116 -25.42 21.57 17.71
N PRO B 117 -26.04 22.62 17.11
CA PRO B 117 -25.63 24.00 17.44
C PRO B 117 -25.61 24.37 18.92
N LEU B 118 -26.27 23.56 19.76
CA LEU B 118 -26.36 23.70 21.21
C LEU B 118 -24.98 23.73 21.86
N PHE B 119 -24.02 22.93 21.33
CA PHE B 119 -22.64 22.88 21.82
C PHE B 119 -21.92 24.17 21.42
N LEU B 120 -22.12 24.62 20.17
CA LEU B 120 -21.54 25.83 19.59
C LEU B 120 -22.18 27.12 20.13
N LEU B 121 -23.48 27.10 20.48
CA LEU B 121 -24.21 28.26 21.03
C LEU B 121 -23.99 28.44 22.54
N LEU B 122 -23.39 27.42 23.19
CA LEU B 122 -23.08 27.41 24.62
C LEU B 122 -22.06 28.48 25.03
N HIS B 123 -20.99 28.70 24.22
CA HIS B 123 -19.95 29.68 24.54
C HIS B 123 -20.37 31.16 24.62
N TYR B 124 -21.53 31.54 24.02
CA TYR B 124 -22.05 32.92 24.07
C TYR B 124 -22.48 33.29 25.50
N LEU B 125 -22.90 32.28 26.29
CA LEU B 125 -23.37 32.43 27.67
C LEU B 125 -22.44 31.79 28.72
N LEU B 126 -21.89 30.58 28.44
CA LEU B 126 -21.01 29.76 29.32
C LEU B 126 -20.10 30.52 30.29
N LYS B 127 -19.50 31.64 29.84
CA LYS B 127 -18.61 32.48 30.64
C LYS B 127 -19.31 33.17 31.83
N ALA B 128 -20.60 33.56 31.67
CA ALA B 128 -21.38 34.22 32.72
C ALA B 128 -21.58 33.32 33.95
N GLY B 129 -22.03 32.08 33.74
CA GLY B 129 -22.24 31.10 34.80
C GLY B 129 -23.59 31.11 35.51
N LYS B 130 -24.42 32.16 35.29
CA LYS B 130 -25.74 32.28 35.92
C LYS B 130 -26.71 33.07 35.05
N PRO B 147 -16.50 35.92 15.66
CA PRO B 147 -16.31 36.50 14.33
C PRO B 147 -17.46 36.16 13.37
N ASP B 148 -17.77 34.86 13.20
CA ASP B 148 -18.86 34.33 12.36
C ASP B 148 -20.02 33.82 13.25
N CYS B 149 -19.88 34.04 14.57
CA CYS B 149 -20.79 33.73 15.68
C CYS B 149 -22.24 34.12 15.33
N THR B 150 -22.41 35.27 14.65
CA THR B 150 -23.69 35.89 14.24
C THR B 150 -24.65 34.99 13.44
N LEU B 151 -24.26 34.64 12.19
CA LEU B 151 -25.06 33.78 11.30
C LEU B 151 -25.25 32.37 11.86
N LEU B 152 -24.30 31.93 12.71
CA LEU B 152 -24.23 30.62 13.36
C LEU B 152 -25.45 30.21 14.19
N LEU B 153 -25.99 31.10 15.02
CA LEU B 153 -27.15 30.77 15.83
C LEU B 153 -28.47 31.08 15.13
N ARG B 154 -28.56 32.26 14.46
CA ARG B 154 -29.75 32.75 13.74
C ARG B 154 -30.19 31.77 12.64
N PHE B 155 -31.15 30.90 12.98
CA PHE B 155 -31.75 29.87 12.12
C PHE B 155 -33.14 29.44 12.63
N PRO B 156 -34.00 28.77 11.81
CA PRO B 156 -35.30 28.32 12.34
C PRO B 156 -35.10 27.20 13.37
N GLU B 157 -36.03 27.09 14.33
CA GLU B 157 -36.00 26.10 15.43
C GLU B 157 -34.85 26.31 16.43
N LEU B 158 -34.32 27.55 16.50
CA LEU B 158 -33.25 27.94 17.43
C LEU B 158 -33.78 28.10 18.87
N GLU B 159 -34.81 28.95 19.07
CA GLU B 159 -35.43 29.22 20.38
C GLU B 159 -35.95 27.95 21.06
N LYS B 160 -36.54 27.01 20.26
CA LYS B 160 -37.07 25.72 20.76
C LYS B 160 -35.95 24.75 21.14
N SER B 161 -34.76 24.95 20.57
CA SER B 161 -33.59 24.15 20.88
C SER B 161 -32.86 24.77 22.09
N LEU B 162 -32.88 26.13 22.18
CA LEU B 162 -32.25 26.93 23.25
C LEU B 162 -32.79 26.60 24.65
N ARG B 163 -34.07 26.16 24.73
CA ARG B 163 -34.77 25.78 25.95
C ARG B 163 -34.37 24.38 26.45
N HIS B 164 -33.07 24.05 26.39
CA HIS B 164 -32.51 22.77 26.80
C HIS B 164 -31.42 22.97 27.84
N VAL B 165 -30.60 24.01 27.64
CA VAL B 165 -29.43 24.35 28.46
C VAL B 165 -29.67 25.70 29.11
N THR B 166 -29.96 26.73 28.29
CA THR B 166 -30.22 28.08 28.79
C THR B 166 -31.70 28.22 29.10
N GLU B 167 -32.44 28.95 28.24
CA GLU B 167 -33.88 29.20 28.33
C GLU B 167 -34.40 29.63 26.96
N LYS B 175 -36.98 37.23 23.58
CA LYS B 175 -36.29 38.42 24.07
C LYS B 175 -35.23 38.06 25.11
N TYR B 176 -35.66 37.79 26.36
CA TYR B 176 -34.71 37.45 27.42
C TYR B 176 -34.31 35.99 27.46
N TYR B 177 -32.98 35.76 27.48
CA TYR B 177 -32.36 34.45 27.53
C TYR B 177 -31.44 34.37 28.74
N LYS B 178 -31.61 33.34 29.59
CA LYS B 178 -30.82 33.15 30.80
C LYS B 178 -30.32 31.71 30.97
N TYR B 179 -28.99 31.54 31.15
CA TYR B 179 -28.33 30.25 31.32
C TYR B 179 -28.74 29.54 32.62
N SER B 180 -28.93 28.20 32.53
CA SER B 180 -29.31 27.35 33.66
C SER B 180 -28.38 26.15 33.77
N SER B 181 -27.75 25.97 34.94
CA SER B 181 -26.81 24.85 35.17
C SER B 181 -27.54 23.52 35.37
N GLU B 182 -28.78 23.56 35.93
CA GLU B 182 -29.63 22.40 36.21
C GLU B 182 -30.07 21.62 34.96
N LYS B 183 -30.70 22.33 33.99
CA LYS B 183 -31.19 21.77 32.73
C LYS B 183 -30.07 21.16 31.87
N THR B 184 -28.89 21.83 31.83
CA THR B 184 -27.70 21.42 31.07
C THR B 184 -27.19 20.06 31.54
N LEU B 185 -27.09 19.85 32.88
CA LEU B 185 -26.64 18.60 33.49
C LEU B 185 -27.59 17.44 33.13
N LYS B 186 -28.91 17.73 33.08
CA LYS B 186 -29.97 16.79 32.74
C LYS B 186 -29.87 16.41 31.25
N TRP B 187 -29.59 17.42 30.41
CA TRP B 187 -29.43 17.31 28.95
C TRP B 187 -28.15 16.54 28.59
N LEU B 188 -27.01 16.90 29.23
CA LEU B 188 -25.71 16.25 29.03
C LEU B 188 -25.75 14.76 29.44
N GLU B 189 -26.47 14.43 30.54
CA GLU B 189 -26.65 13.05 31.03
C GLU B 189 -27.41 12.19 30.03
N LYS B 190 -28.43 12.79 29.36
CA LYS B 190 -29.27 12.13 28.35
C LYS B 190 -28.45 11.81 27.08
N LYS B 191 -27.50 12.71 26.74
CA LYS B 191 -26.58 12.56 25.60
C LYS B 191 -25.66 11.38 25.81
N VAL B 192 -25.13 11.19 27.04
CA VAL B 192 -24.25 10.06 27.41
C VAL B 192 -24.96 8.71 27.13
N ASN B 193 -26.26 8.62 27.50
CA ASN B 193 -27.10 7.44 27.27
C ASN B 193 -27.45 7.30 25.78
N GLN B 194 -27.71 8.44 25.11
CA GLN B 194 -28.02 8.53 23.67
C GLN B 194 -26.82 7.99 22.86
N THR B 195 -25.56 8.31 23.31
CA THR B 195 -24.30 7.87 22.70
C THR B 195 -23.89 6.47 23.21
N VAL B 196 -24.59 5.96 24.25
CA VAL B 196 -24.39 4.61 24.79
C VAL B 196 -25.14 3.63 23.87
N VAL B 197 -26.28 4.11 23.29
CA VAL B 197 -27.12 3.36 22.34
C VAL B 197 -26.30 3.12 21.05
N ALA B 198 -25.66 4.19 20.55
CA ALA B 198 -24.81 4.21 19.35
C ALA B 198 -23.58 3.35 19.51
N LEU B 199 -22.91 3.40 20.68
CA LEU B 199 -21.73 2.61 20.98
C LEU B 199 -22.05 1.10 21.00
N LYS B 200 -23.34 0.74 21.23
CA LYS B 200 -23.84 -0.63 21.23
C LYS B 200 -24.16 -1.09 19.80
N ALA B 201 -24.68 -0.16 18.96
CA ALA B 201 -25.01 -0.38 17.56
C ALA B 201 -23.76 -0.43 16.67
N ASN B 202 -22.87 0.59 16.82
CA ASN B 202 -21.61 0.69 16.07
C ASN B 202 -20.55 -0.30 16.59
N ASN B 203 -20.74 -0.77 17.86
CA ASN B 203 -19.86 -1.72 18.59
C ASN B 203 -18.41 -1.22 18.79
N VAL B 204 -18.25 -0.14 19.58
CA VAL B 204 -16.95 0.46 19.91
C VAL B 204 -16.23 -0.32 21.02
N ASN B 205 -15.16 -1.06 20.64
CA ASN B 205 -14.33 -1.88 21.52
C ASN B 205 -13.45 -1.03 22.45
N GLU B 227 -22.23 -0.62 33.64
CA GLU B 227 -21.25 -1.27 32.77
C GLU B 227 -20.01 -0.39 32.51
N ASP B 228 -19.07 -0.89 31.68
CA ASP B 228 -17.81 -0.21 31.34
C ASP B 228 -18.01 1.02 30.43
N TYR B 229 -19.14 1.05 29.66
CA TYR B 229 -19.47 2.13 28.72
C TYR B 229 -19.69 3.47 29.43
N VAL B 230 -20.14 3.43 30.70
CA VAL B 230 -20.43 4.59 31.54
C VAL B 230 -19.35 5.67 31.47
N ARG B 231 -18.07 5.26 31.68
CA ARG B 231 -16.90 6.15 31.65
C ARG B 231 -16.58 6.63 30.22
N TYR B 232 -16.65 5.71 29.24
CA TYR B 232 -16.35 5.97 27.82
C TYR B 232 -17.34 6.94 27.15
N ALA B 233 -18.67 6.67 27.28
CA ALA B 233 -19.76 7.47 26.72
C ALA B 233 -19.77 8.90 27.23
N HIS B 234 -19.38 9.11 28.50
CA HIS B 234 -19.28 10.44 29.12
C HIS B 234 -18.14 11.23 28.46
N GLY B 235 -17.03 10.53 28.22
CA GLY B 235 -15.82 11.08 27.61
C GLY B 235 -15.99 11.67 26.23
N LEU B 236 -16.86 11.07 25.40
CA LEU B 236 -17.12 11.52 24.03
C LEU B 236 -17.70 12.93 23.96
N ILE B 237 -18.59 13.27 24.91
CA ILE B 237 -19.20 14.60 24.96
C ILE B 237 -18.22 15.65 25.51
N SER B 238 -17.19 15.20 26.27
CA SER B 238 -16.14 16.07 26.81
C SER B 238 -15.38 16.81 25.70
N ASP B 239 -15.18 16.14 24.55
CA ASP B 239 -14.51 16.72 23.37
C ASP B 239 -15.37 17.76 22.65
N TYR B 240 -16.53 18.10 23.22
CA TYR B 240 -17.47 19.07 22.69
C TYR B 240 -17.83 20.16 23.71
N ILE B 241 -17.43 19.99 25.00
CA ILE B 241 -17.75 20.94 26.07
C ILE B 241 -16.64 21.11 27.16
N PRO B 242 -16.36 22.34 27.68
CA PRO B 242 -15.34 22.47 28.74
C PRO B 242 -15.94 22.23 30.13
N LYS B 243 -17.30 22.23 30.23
CA LYS B 243 -18.10 22.02 31.44
C LYS B 243 -18.17 20.53 31.83
N GLU B 244 -17.41 19.67 31.10
CA GLU B 244 -17.27 18.23 31.33
C GLU B 244 -16.22 17.96 32.42
N LEU B 245 -15.38 18.99 32.72
CA LEU B 245 -14.39 19.01 33.80
C LEU B 245 -15.19 19.40 35.05
N SER B 246 -16.28 20.16 34.83
CA SER B 246 -17.27 20.54 35.85
C SER B 246 -18.31 19.41 35.88
N ASP B 247 -18.33 18.56 34.82
CA ASP B 247 -19.17 17.37 34.70
C ASP B 247 -18.35 16.10 35.00
N ASP B 248 -17.20 16.28 35.68
CA ASP B 248 -16.35 15.21 36.19
C ASP B 248 -17.01 14.75 37.50
N LEU B 249 -17.89 15.62 38.08
CA LEU B 249 -18.73 15.34 39.25
C LEU B 249 -20.00 14.68 38.68
N SER B 250 -20.24 14.90 37.37
CA SER B 250 -21.33 14.27 36.62
C SER B 250 -20.89 12.89 36.15
N LYS B 251 -19.57 12.61 36.24
CA LYS B 251 -18.98 11.31 35.97
C LYS B 251 -19.09 10.55 37.29
N PHE B 252 -19.62 9.29 37.25
CA PHE B 252 -19.89 8.38 38.38
C PHE B 252 -21.19 8.78 39.12
N LEU B 253 -21.24 10.03 39.61
CA LEU B 253 -22.34 10.59 40.38
C LEU B 253 -23.41 11.40 39.62
N LYS B 254 -23.55 11.21 38.29
CA LYS B 254 -24.53 11.88 37.42
C LYS B 254 -24.50 13.42 37.34
N LEU B 255 -24.18 14.13 38.45
CA LEU B 255 -24.11 15.59 38.45
C LEU B 255 -23.16 16.09 39.53
N ILE C 14 -14.70 30.88 3.14
CA ILE C 14 -14.70 29.95 2.01
C ILE C 14 -16.11 29.38 1.75
N HIS C 15 -16.59 29.54 0.52
CA HIS C 15 -17.93 29.07 0.18
C HIS C 15 -18.01 28.50 -1.21
N LEU C 16 -18.88 27.48 -1.39
CA LEU C 16 -19.18 26.87 -2.69
C LEU C 16 -20.50 26.11 -2.81
N ARG C 17 -21.29 26.56 -3.82
CA ARG C 17 -22.61 26.11 -4.28
C ARG C 17 -22.72 24.57 -4.53
N PRO C 18 -23.95 23.99 -4.66
CA PRO C 18 -24.02 22.55 -4.93
C PRO C 18 -23.71 22.20 -6.40
N GLY C 19 -23.46 23.22 -7.22
CA GLY C 19 -23.16 23.12 -8.65
C GLY C 19 -21.97 22.25 -8.96
N SER C 20 -20.86 22.45 -8.22
CA SER C 20 -19.64 21.66 -8.34
C SER C 20 -19.88 20.26 -7.80
N LEU C 21 -20.66 20.16 -6.71
CA LEU C 21 -21.03 18.92 -6.05
C LEU C 21 -21.91 18.03 -6.95
N ARG C 22 -23.00 18.61 -7.53
CA ARG C 22 -23.94 17.91 -8.41
C ARG C 22 -23.31 17.43 -9.72
N GLY C 23 -22.38 18.22 -10.26
CA GLY C 23 -21.71 17.88 -11.52
C GLY C 23 -20.26 17.49 -11.44
N ALA C 24 -19.81 16.90 -10.30
CA ALA C 24 -18.43 16.45 -10.18
C ALA C 24 -18.29 15.09 -10.88
N ALA C 25 -17.22 14.95 -11.69
CA ALA C 25 -16.93 13.73 -12.47
C ALA C 25 -16.18 12.65 -11.65
N PRO C 26 -16.41 11.35 -11.93
CA PRO C 26 -15.70 10.30 -11.17
C PRO C 26 -14.19 10.49 -11.10
N ALA C 27 -13.61 10.16 -9.94
CA ALA C 27 -12.19 10.26 -9.69
C ALA C 27 -11.71 8.93 -9.07
N LYS C 28 -10.44 8.53 -9.37
CA LYS C 28 -9.87 7.30 -8.85
C LYS C 28 -8.88 7.62 -7.77
N LEU C 29 -9.16 7.17 -6.54
CA LEU C 29 -8.33 7.40 -5.35
C LEU C 29 -7.72 6.15 -4.79
N HIS C 30 -6.43 6.27 -4.39
CA HIS C 30 -5.62 5.25 -3.72
C HIS C 30 -5.04 5.90 -2.47
N LEU C 31 -5.15 5.20 -1.32
CA LEU C 31 -4.50 5.68 -0.09
C LEU C 31 -3.29 4.82 0.17
N LEU C 32 -2.11 5.36 -0.17
CA LEU C 32 -0.82 4.69 -0.06
C LEU C 32 -0.34 4.58 1.39
N PRO C 33 0.35 3.45 1.83
CA PRO C 33 0.86 3.39 3.21
C PRO C 33 2.19 4.14 3.34
N CYS C 34 2.38 5.17 2.53
CA CYS C 34 3.61 5.94 2.48
C CYS C 34 3.31 7.34 2.06
N ASP C 35 4.13 8.31 2.48
CA ASP C 35 3.93 9.73 2.16
C ASP C 35 4.90 10.24 1.07
N VAL C 36 4.36 10.60 -0.15
CA VAL C 36 5.17 11.20 -1.23
C VAL C 36 5.17 12.69 -0.91
N LEU C 37 6.24 13.14 -0.21
CA LEU C 37 6.42 14.46 0.40
C LEU C 37 6.08 15.71 -0.40
N VAL C 38 5.96 15.60 -1.73
CA VAL C 38 5.60 16.75 -2.57
C VAL C 38 4.36 16.44 -3.40
N SER C 39 3.36 17.36 -3.40
CA SER C 39 2.13 17.26 -4.23
C SER C 39 2.51 17.69 -5.66
N ARG C 40 2.04 16.90 -6.65
CA ARG C 40 2.42 16.97 -8.07
C ARG C 40 1.54 16.09 -8.97
N PRO C 41 1.50 16.32 -10.29
CA PRO C 41 0.86 15.33 -11.16
C PRO C 41 1.78 14.09 -11.25
N ALA C 42 1.22 12.92 -11.56
CA ALA C 42 2.00 11.68 -11.62
C ALA C 42 1.40 10.69 -12.64
N PRO C 43 2.22 9.89 -13.38
CA PRO C 43 1.64 8.94 -14.35
C PRO C 43 1.13 7.64 -13.71
N VAL C 44 0.14 7.76 -12.79
CA VAL C 44 -0.46 6.61 -12.12
C VAL C 44 -0.81 5.54 -13.17
N ASP C 45 -1.44 5.95 -14.28
CA ASP C 45 -1.85 5.01 -15.32
C ASP C 45 -0.68 4.35 -16.11
N ARG C 46 0.56 4.87 -16.00
CA ARG C 46 1.70 4.27 -16.66
C ARG C 46 2.37 3.33 -15.72
N PHE C 47 2.66 3.77 -14.49
CA PHE C 47 3.40 2.96 -13.52
C PHE C 47 2.53 2.14 -12.62
N PHE C 48 1.63 2.80 -11.88
CA PHE C 48 0.82 2.20 -10.87
C PHE C 48 -0.17 1.24 -11.41
N THR C 49 -1.29 1.74 -12.03
CA THR C 49 -2.36 0.93 -12.61
C THR C 49 -1.89 -0.41 -13.23
N PRO C 50 -0.93 -0.45 -14.22
CA PRO C 50 -0.59 -1.74 -14.84
C PRO C 50 0.11 -2.73 -13.93
N ALA C 51 0.37 -2.35 -12.67
CA ALA C 51 0.99 -3.23 -11.68
C ALA C 51 -0.08 -3.92 -10.84
N VAL C 52 -1.25 -3.29 -10.71
CA VAL C 52 -2.39 -3.77 -9.94
C VAL C 52 -2.88 -5.12 -10.49
N ARG C 53 -3.19 -6.08 -9.59
CA ARG C 53 -3.68 -7.42 -9.92
C ARG C 53 -4.68 -7.81 -8.92
N HIS C 54 -5.62 -8.65 -9.31
CA HIS C 54 -6.70 -9.15 -8.44
C HIS C 54 -6.42 -10.57 -7.91
N ASP C 55 -6.96 -10.90 -6.70
CA ASP C 55 -6.98 -12.24 -6.07
C ASP C 55 -7.95 -12.34 -4.89
N ALA C 56 -8.22 -13.59 -4.39
CA ALA C 56 -9.17 -13.88 -3.30
C ALA C 56 -9.11 -12.90 -2.15
N ASP C 57 -7.91 -12.41 -1.80
CA ASP C 57 -7.82 -11.38 -0.78
C ASP C 57 -7.28 -10.16 -1.43
N GLY C 58 -8.19 -9.28 -1.83
CA GLY C 58 -7.89 -7.99 -2.43
C GLY C 58 -6.94 -7.99 -3.61
N LEU C 59 -6.26 -6.87 -3.78
CA LEU C 59 -5.40 -6.59 -4.91
C LEU C 59 -3.94 -6.51 -4.58
N GLN C 60 -3.07 -6.73 -5.55
CA GLN C 60 -1.65 -6.51 -5.34
C GLN C 60 -1.05 -5.56 -6.35
N ALA C 61 -0.17 -4.68 -5.87
CA ALA C 61 0.51 -3.73 -6.73
C ALA C 61 1.83 -3.39 -6.06
N SER C 62 2.66 -2.55 -6.68
CA SER C 62 3.96 -2.17 -6.11
C SER C 62 4.29 -0.70 -6.32
N PHE C 63 5.07 -0.17 -5.39
CA PHE C 63 5.51 1.21 -5.38
C PHE C 63 6.92 1.23 -4.89
N ARG C 64 7.79 1.96 -5.63
CA ARG C 64 9.25 2.07 -5.31
C ARG C 64 9.89 0.70 -4.92
N GLY C 65 9.46 -0.36 -5.65
CA GLY C 65 9.91 -1.73 -5.50
C GLY C 65 9.34 -2.47 -4.31
N ARG C 66 8.34 -1.89 -3.62
CA ARG C 66 7.79 -2.52 -2.43
C ARG C 66 6.42 -3.08 -2.69
N GLY C 67 6.22 -4.26 -2.12
CA GLY C 67 4.97 -4.97 -2.22
C GLY C 67 3.92 -4.37 -1.33
N LEU C 68 2.81 -4.00 -1.98
CA LEU C 68 1.60 -3.44 -1.43
C LEU C 68 0.51 -4.49 -1.64
N ARG C 69 -0.48 -4.47 -0.74
CA ARG C 69 -1.68 -5.32 -0.73
C ARG C 69 -2.82 -4.36 -0.47
N GLY C 70 -3.82 -4.41 -1.35
CA GLY C 70 -4.94 -3.49 -1.33
C GLY C 70 -6.28 -4.09 -1.05
N GLU C 71 -7.28 -3.19 -1.04
CA GLU C 71 -8.68 -3.47 -0.74
C GLU C 71 -9.51 -2.25 -1.07
N GLU C 72 -10.70 -2.48 -1.64
CA GLU C 72 -11.65 -1.41 -1.93
C GLU C 72 -12.39 -1.12 -0.64
N VAL C 73 -12.41 0.14 -0.24
CA VAL C 73 -13.03 0.62 1.00
C VAL C 73 -14.17 1.55 0.61
N ALA C 74 -15.36 1.32 1.16
CA ALA C 74 -16.49 2.14 0.80
C ALA C 74 -16.62 3.40 1.67
N VAL C 75 -17.16 4.46 1.04
CA VAL C 75 -17.48 5.73 1.66
C VAL C 75 -18.68 5.38 2.58
N PRO C 76 -18.72 5.88 3.84
CA PRO C 76 -19.83 5.52 4.75
C PRO C 76 -21.23 5.58 4.14
N PRO C 77 -22.18 4.71 4.58
CA PRO C 77 -23.53 4.79 4.04
C PRO C 77 -24.13 6.16 4.33
N GLY C 78 -24.89 6.70 3.37
CA GLY C 78 -25.48 8.03 3.46
C GLY C 78 -24.47 9.16 3.33
N PHE C 79 -23.24 8.84 2.88
CA PHE C 79 -22.18 9.81 2.66
C PHE C 79 -21.67 9.80 1.22
N ALA C 80 -21.05 10.91 0.79
CA ALA C 80 -20.54 11.09 -0.56
C ALA C 80 -19.11 11.59 -0.53
N GLY C 81 -18.28 11.03 -1.39
CA GLY C 81 -16.87 11.41 -1.48
C GLY C 81 -16.61 12.43 -2.55
N PHE C 82 -15.85 13.49 -2.20
CA PHE C 82 -15.46 14.57 -3.10
C PHE C 82 -14.00 14.97 -2.95
N VAL C 83 -13.39 15.42 -4.08
CA VAL C 83 -12.04 15.99 -4.17
C VAL C 83 -12.31 17.48 -4.47
N MET C 84 -11.75 18.38 -3.64
CA MET C 84 -11.98 19.81 -3.72
C MET C 84 -10.72 20.62 -3.79
N VAL C 85 -10.66 21.53 -4.76
CA VAL C 85 -9.54 22.45 -4.95
C VAL C 85 -10.05 23.92 -4.82
N THR C 86 -9.23 24.79 -4.20
CA THR C 86 -9.52 26.22 -4.01
C THR C 86 -9.36 26.94 -5.34
N ARG C 120 -13.02 33.89 -0.13
CA ARG C 120 -12.45 32.74 -0.84
C ARG C 120 -13.56 31.89 -1.51
N LEU C 121 -13.16 30.81 -2.22
CA LEU C 121 -14.07 29.88 -2.92
C LEU C 121 -13.42 28.51 -3.12
N ILE C 122 -14.18 27.42 -2.87
CA ILE C 122 -13.66 26.04 -3.01
C ILE C 122 -14.61 25.08 -3.76
N GLY C 123 -14.31 24.83 -5.03
CA GLY C 123 -15.07 23.92 -5.90
C GLY C 123 -14.53 22.52 -6.08
N ALA C 124 -15.45 21.52 -6.17
CA ALA C 124 -15.19 20.09 -6.33
C ALA C 124 -14.73 19.66 -7.72
N THR C 125 -13.55 19.04 -7.80
CA THR C 125 -12.93 18.58 -9.06
C THR C 125 -13.27 17.12 -9.42
N GLY C 126 -13.33 16.25 -8.42
CA GLY C 126 -13.65 14.85 -8.61
C GLY C 126 -14.78 14.40 -7.71
N SER C 127 -15.30 13.18 -7.98
CA SER C 127 -16.35 12.52 -7.20
C SER C 127 -16.03 11.04 -7.03
N PHE C 128 -16.11 10.54 -5.80
CA PHE C 128 -15.87 9.11 -5.59
C PHE C 128 -16.91 8.52 -4.64
N SER C 129 -17.12 7.20 -4.68
CA SER C 129 -18.03 6.54 -3.74
C SER C 129 -17.29 5.44 -2.99
N HIS C 130 -16.01 5.26 -3.33
CA HIS C 130 -15.15 4.24 -2.76
C HIS C 130 -13.69 4.52 -3.14
N PHE C 131 -12.76 3.91 -2.41
CA PHE C 131 -11.34 4.13 -2.68
C PHE C 131 -10.48 2.91 -2.41
N THR C 132 -9.27 2.90 -2.98
CA THR C 132 -8.40 1.77 -2.74
C THR C 132 -7.53 2.08 -1.58
N LEU C 133 -7.54 1.19 -0.58
CA LEU C 133 -6.71 1.37 0.60
C LEU C 133 -5.57 0.40 0.52
N TRP C 134 -4.36 0.96 0.29
CA TRP C 134 -3.13 0.17 0.19
C TRP C 134 -2.41 0.04 1.54
N GLY C 135 -1.89 -1.16 1.76
CA GLY C 135 -1.09 -1.52 2.90
C GLY C 135 0.22 -2.10 2.39
N LEU C 136 1.22 -2.12 3.24
CA LEU C 136 2.55 -2.64 2.94
C LEU C 136 2.46 -4.14 3.21
N GLU C 137 2.98 -4.98 2.26
CA GLU C 137 3.09 -6.45 2.30
C GLU C 137 1.85 -7.24 2.70
N THR C 138 1.03 -6.68 3.59
CA THR C 138 -0.17 -7.28 4.12
C THR C 138 -1.27 -6.24 4.18
N VAL C 139 -2.45 -6.59 3.65
CA VAL C 139 -3.67 -5.77 3.58
C VAL C 139 -3.91 -5.09 4.95
N PRO C 140 -4.20 -3.76 5.03
CA PRO C 140 -4.50 -3.17 6.36
C PRO C 140 -5.67 -3.90 7.05
N GLY C 141 -5.49 -4.20 8.34
CA GLY C 141 -6.47 -4.93 9.15
C GLY C 141 -7.80 -4.24 9.35
N PRO C 142 -8.84 -4.97 9.84
CA PRO C 142 -10.14 -4.32 10.10
C PRO C 142 -10.07 -3.34 11.27
N ASP C 143 -9.15 -3.61 12.22
CA ASP C 143 -8.86 -2.80 13.41
C ASP C 143 -7.66 -1.85 13.10
N ALA C 144 -7.80 -1.07 12.01
CA ALA C 144 -6.84 -0.08 11.49
C ALA C 144 -7.46 1.29 11.68
N LYS C 145 -6.63 2.35 11.79
CA LYS C 145 -7.08 3.75 11.98
C LYS C 145 -8.08 4.22 10.92
N VAL C 146 -7.84 3.84 9.64
CA VAL C 146 -8.72 4.23 8.52
C VAL C 146 -10.13 3.68 8.69
N HIS C 147 -10.22 2.35 8.91
CA HIS C 147 -11.49 1.67 9.08
C HIS C 147 -12.22 2.14 10.33
N ARG C 148 -11.48 2.76 11.27
CA ARG C 148 -12.09 3.31 12.47
C ARG C 148 -12.67 4.70 12.20
N ALA C 149 -11.96 5.55 11.43
CA ALA C 149 -12.46 6.88 11.04
C ALA C 149 -13.83 6.81 10.31
N LEU C 150 -13.99 5.83 9.39
CA LEU C 150 -15.23 5.59 8.61
C LEU C 150 -16.44 5.22 9.48
N GLY C 151 -16.17 4.87 10.74
CA GLY C 151 -17.19 4.55 11.72
C GLY C 151 -17.64 5.79 12.47
N TRP C 152 -16.93 6.92 12.24
CA TRP C 152 -17.24 8.21 12.86
C TRP C 152 -18.59 8.81 12.41
N PRO C 153 -18.92 8.99 11.10
CA PRO C 153 -20.23 9.56 10.76
C PRO C 153 -21.43 8.87 11.40
N SER C 154 -21.36 7.52 11.57
CA SER C 154 -22.42 6.72 12.19
C SER C 154 -22.65 7.13 13.66
N LEU C 155 -21.54 7.36 14.40
CA LEU C 155 -21.55 7.78 15.79
C LEU C 155 -21.87 9.28 15.94
N ALA C 156 -21.36 10.10 14.98
CA ALA C 156 -21.57 11.56 14.90
C ALA C 156 -23.07 11.94 14.80
N ALA C 157 -23.88 11.04 14.20
CA ALA C 157 -25.32 11.23 14.02
C ALA C 157 -26.04 11.09 15.37
N ALA C 158 -25.51 10.22 16.24
CA ALA C 158 -26.07 9.93 17.56
C ALA C 158 -25.76 11.03 18.58
N ILE C 159 -24.50 11.55 18.57
CA ILE C 159 -24.04 12.61 19.46
C ILE C 159 -24.87 13.87 19.19
N HIS C 160 -24.93 14.28 17.92
CA HIS C 160 -25.60 15.50 17.49
C HIS C 160 -27.10 15.40 17.16
N ALA C 161 -27.72 14.26 17.54
CA ALA C 161 -29.14 14.01 17.39
C ALA C 161 -29.84 14.89 18.40
N GLN C 162 -30.85 15.67 17.95
CA GLN C 162 -31.62 16.64 18.75
C GLN C 162 -32.34 16.05 19.97
#